data_3A7B
#
_entry.id   3A7B
#
_cell.length_a   68.578
_cell.length_b   83.190
_cell.length_c   214.658
_cell.angle_alpha   90.00
_cell.angle_beta   90.00
_cell.angle_gamma   90.00
#
_symmetry.space_group_name_H-M   'P 21 21 21'
#
loop_
_entity.id
_entity.type
_entity.pdbx_description
1 polymer 'Toll-like receptor 2, Variable lymphocyte receptor B'
2 branched 2-acetamido-2-deoxy-beta-D-glucopyranose-(1-4)-2-acetamido-2-deoxy-beta-D-glucopyranose
3 non-polymer 2-acetamido-2-deoxy-beta-D-glucopyranose
4 non-polymer '(2S)-1-({3-O-[2-(acetylamino)-4-amino-2,4,6-trideoxy-beta-D-galactopyranosyl]-alpha-D-glucopyranosyl}oxy)-3-(heptanoyloxy)propan-2-yl (7Z)-pentadec-7-enoate'
5 water water
#
_entity_poly.entity_id   1
_entity_poly.type   'polypeptide(L)'
_entity_poly.pdbx_seq_one_letter_code
;MLRALWLFWILVAITVLFSKRCSAQESLSCDASGVCDGRSRSFTSIPSGLTAAMKSLDLSFNKITYIGHGDLRACANLQV
LILKSSRINTIEGDAFYSLGSLEHLDLSDNHLSSLSSSWFGPLSSLKYLNLMGNPYQTLGVTSLFPNLTNLQTLRIGNVE
TFSEIRRIDFAGLTSLNELEIKALSLRNYQSQSLKSIRDIHHLTLHLSESAFLLEIFADILSSVRYLELRDTNLARFQFS
PLPVDEVSSPMKKLAFRGSVLTDESFNELLKLLRYILELSEVEFDDCTLNGLGDFNPSESDVVSELGKVETVTIRRLHIP
QFYLFYDLSTVYSLLEKVKRITVENSKVFLVPCSFSQHLKSLEFLDLSENLMVEEYLKNSACKGAWPSLQTLVLSQNHLR
SMQKTGEILLTLKNLTSLDISRNTFHPMPDSCQWPEKMRFLNLSSTGIRVVKTCIPQTLEVLDVSNNNLDSFSLFLPRLQ
ELYISRNKLKTLPDASLFPVLLVMKIASNQLKSVPDGIFDRLTSLQKIWLHTNPWDCSCPRIDYLSRWLNKNSQKEQGSA
KCSGSGKPVRSIICPTLVPR
;
_entity_poly.pdbx_strand_id   A
#
loop_
_chem_comp.id
_chem_comp.type
_chem_comp.name
_chem_comp.formula
LTC non-polymer '(2S)-1-({3-O-[2-(acetylamino)-4-amino-2,4,6-trideoxy-beta-D-galactopyranosyl]-alpha-D-glucopyranosyl}oxy)-3-(heptanoyloxy)propan-2-yl (7Z)-pentadec-7-enoate' 'C39 H70 N2 O13'
NAG D-saccharide, beta linking 2-acetamido-2-deoxy-beta-D-glucopyranose 'C8 H15 N O6'
#
# COMPACT_ATOMS: atom_id res chain seq x y z
N GLU A 26 -22.52 26.85 13.78
CA GLU A 26 -23.35 28.07 13.67
C GLU A 26 -22.95 28.95 12.46
N SER A 27 -21.67 29.00 12.10
CA SER A 27 -21.24 29.84 10.97
C SER A 27 -20.06 29.34 10.12
N LEU A 28 -19.90 29.90 8.93
CA LEU A 28 -18.83 29.51 8.02
C LEU A 28 -17.49 30.15 8.39
N SER A 29 -16.45 29.32 8.43
CA SER A 29 -15.10 29.79 8.77
C SER A 29 -14.23 29.78 7.52
N CYS A 30 -14.07 30.95 6.91
CA CYS A 30 -13.30 31.02 5.66
C CYS A 30 -11.98 31.83 5.71
N ASP A 31 -10.90 31.25 5.19
CA ASP A 31 -9.59 31.88 5.18
C ASP A 31 -9.36 32.81 3.98
N ALA A 32 -8.14 33.32 3.84
CA ALA A 32 -7.80 34.24 2.75
C ALA A 32 -7.39 33.54 1.46
N SER A 33 -7.48 32.20 1.46
CA SER A 33 -7.16 31.41 0.27
C SER A 33 -8.50 31.09 -0.41
N GLY A 34 -9.58 31.35 0.30
CA GLY A 34 -10.90 31.09 -0.24
C GLY A 34 -11.35 29.71 0.19
N VAL A 35 -10.59 29.11 1.08
CA VAL A 35 -10.93 27.79 1.58
C VAL A 35 -11.88 28.00 2.74
N CYS A 36 -13.15 27.64 2.54
CA CYS A 36 -14.17 27.79 3.57
C CYS A 36 -14.51 26.44 4.22
N ASP A 37 -14.66 26.41 5.54
CA ASP A 37 -15.01 25.16 6.21
C ASP A 37 -16.33 25.30 6.98
N GLY A 38 -17.32 24.50 6.59
CA GLY A 38 -18.59 24.58 7.26
C GLY A 38 -18.99 23.21 7.75
N ARG A 39 -18.02 22.31 7.89
CA ARG A 39 -18.32 20.97 8.34
C ARG A 39 -19.01 20.97 9.69
N SER A 40 -19.65 19.84 9.96
CA SER A 40 -20.32 19.59 11.22
C SER A 40 -21.02 20.69 11.98
N ARG A 41 -21.45 21.76 11.31
CA ARG A 41 -22.23 22.76 12.04
C ARG A 41 -23.58 22.05 12.07
N SER A 42 -24.67 22.80 12.08
CA SER A 42 -25.94 22.09 12.04
C SER A 42 -26.90 22.66 11.05
N PHE A 43 -26.35 23.02 9.90
CA PHE A 43 -27.07 23.60 8.78
C PHE A 43 -28.18 22.71 8.20
N THR A 44 -29.33 23.34 7.98
CA THR A 44 -30.51 22.68 7.42
C THR A 44 -30.65 23.09 5.98
N SER A 45 -29.72 23.94 5.52
CA SER A 45 -29.68 24.40 4.14
C SER A 45 -28.33 25.08 3.89
N ILE A 46 -27.92 25.12 2.63
CA ILE A 46 -26.68 25.74 2.27
C ILE A 46 -26.78 27.14 2.81
N PRO A 47 -25.78 27.58 3.58
CA PRO A 47 -25.79 28.91 4.16
C PRO A 47 -25.77 29.99 3.10
N SER A 48 -26.10 31.23 3.49
CA SER A 48 -26.10 32.34 2.55
C SER A 48 -24.79 33.12 2.61
N GLY A 49 -24.67 34.18 1.82
CA GLY A 49 -23.43 34.95 1.83
C GLY A 49 -22.26 34.36 1.04
N LEU A 50 -22.52 33.38 0.16
CA LEU A 50 -21.47 32.78 -0.62
C LEU A 50 -20.95 33.85 -1.57
N THR A 51 -19.63 33.88 -1.78
CA THR A 51 -19.00 34.89 -2.62
C THR A 51 -18.30 34.32 -3.83
N ALA A 52 -17.73 35.19 -4.65
CA ALA A 52 -17.03 34.79 -5.84
C ALA A 52 -15.58 34.50 -5.54
N ALA A 53 -15.21 34.67 -4.29
CA ALA A 53 -13.83 34.46 -3.90
C ALA A 53 -13.62 33.13 -3.23
N MET A 54 -14.71 32.40 -2.99
CA MET A 54 -14.58 31.12 -2.33
C MET A 54 -14.13 30.08 -3.32
N LYS A 55 -13.09 29.33 -2.95
CA LYS A 55 -12.51 28.31 -3.82
C LYS A 55 -12.89 26.90 -3.43
N SER A 56 -12.91 26.64 -2.14
CA SER A 56 -13.28 25.34 -1.64
C SER A 56 -14.30 25.55 -0.55
N LEU A 57 -15.40 24.82 -0.63
CA LEU A 57 -16.50 24.93 0.34
C LEU A 57 -16.77 23.50 0.78
N ASP A 58 -16.67 23.23 2.06
CA ASP A 58 -16.93 21.89 2.56
C ASP A 58 -18.10 21.97 3.55
N LEU A 59 -19.29 21.59 3.11
CA LEU A 59 -20.48 21.61 3.95
C LEU A 59 -20.87 20.21 4.36
N SER A 60 -19.87 19.37 4.62
CA SER A 60 -20.11 17.98 5.03
C SER A 60 -20.64 17.80 6.45
N PHE A 61 -21.17 16.61 6.66
CA PHE A 61 -21.74 16.20 7.93
C PHE A 61 -22.73 17.19 8.49
N ASN A 62 -23.59 17.72 7.63
CA ASN A 62 -24.63 18.64 8.07
C ASN A 62 -26.04 18.03 7.99
N LYS A 63 -27.05 18.87 7.81
CA LYS A 63 -28.45 18.41 7.74
C LYS A 63 -29.17 19.11 6.60
N ILE A 64 -28.47 19.38 5.51
CA ILE A 64 -29.04 20.04 4.35
C ILE A 64 -29.90 19.04 3.59
N THR A 65 -31.17 19.05 3.91
CA THR A 65 -32.10 18.15 3.31
C THR A 65 -32.39 18.51 1.83
N TYR A 66 -32.26 19.79 1.46
CA TYR A 66 -32.58 20.24 0.11
C TYR A 66 -31.61 21.30 -0.43
N ILE A 67 -31.28 21.20 -1.71
CA ILE A 67 -30.39 22.16 -2.38
C ILE A 67 -31.24 22.70 -3.54
N GLY A 68 -31.57 24.00 -3.46
CA GLY A 68 -32.40 24.65 -4.44
C GLY A 68 -31.68 25.27 -5.63
N HIS A 69 -32.45 25.93 -6.49
CA HIS A 69 -31.93 26.55 -7.70
C HIS A 69 -30.87 27.63 -7.53
N GLY A 70 -30.95 28.43 -6.49
CA GLY A 70 -30.02 29.53 -6.32
C GLY A 70 -28.92 29.41 -5.29
N ASP A 71 -29.05 28.47 -4.36
CA ASP A 71 -28.06 28.30 -3.29
C ASP A 71 -26.59 28.55 -3.67
N LEU A 72 -26.13 27.86 -4.70
CA LEU A 72 -24.74 27.99 -5.11
C LEU A 72 -24.54 28.86 -6.32
N ARG A 73 -25.42 29.83 -6.57
CA ARG A 73 -25.22 30.68 -7.76
C ARG A 73 -24.13 31.74 -7.65
N ALA A 74 -23.86 32.19 -6.43
CA ALA A 74 -22.87 33.25 -6.22
C ALA A 74 -21.41 32.86 -6.37
N CYS A 75 -21.08 31.64 -5.94
CA CYS A 75 -19.70 31.14 -5.98
C CYS A 75 -19.27 30.49 -7.30
N ALA A 76 -19.25 31.31 -8.33
CA ALA A 76 -18.88 30.89 -9.68
C ALA A 76 -17.42 30.49 -9.90
N ASN A 77 -16.58 30.67 -8.89
CA ASN A 77 -15.15 30.33 -9.03
C ASN A 77 -14.82 29.09 -8.20
N LEU A 78 -15.84 28.50 -7.60
CA LEU A 78 -15.67 27.31 -6.76
C LEU A 78 -14.98 26.17 -7.55
N GLN A 79 -13.98 25.57 -6.91
CA GLN A 79 -13.24 24.45 -7.50
C GLN A 79 -13.47 23.13 -6.74
N VAL A 80 -13.81 23.23 -5.46
CA VAL A 80 -14.06 22.10 -4.62
C VAL A 80 -15.37 22.31 -3.87
N LEU A 81 -16.25 21.31 -3.90
CA LEU A 81 -17.53 21.34 -3.20
C LEU A 81 -17.68 19.96 -2.53
N ILE A 82 -17.51 19.93 -1.22
CA ILE A 82 -17.58 18.70 -0.46
C ILE A 82 -18.90 18.78 0.31
N LEU A 83 -19.77 17.79 0.10
CA LEU A 83 -21.09 17.72 0.73
C LEU A 83 -21.37 16.33 1.25
N LYS A 84 -20.37 15.67 1.80
CA LYS A 84 -20.54 14.30 2.27
C LYS A 84 -21.34 14.21 3.52
N SER A 85 -22.09 13.12 3.63
CA SER A 85 -22.89 12.81 4.78
C SER A 85 -23.72 13.94 5.41
N SER A 86 -24.33 14.75 4.57
CA SER A 86 -25.26 15.75 5.10
C SER A 86 -26.51 14.92 5.00
N ARG A 87 -27.63 15.46 4.61
CA ARG A 87 -28.72 14.48 4.49
C ARG A 87 -29.54 14.87 3.27
N ILE A 88 -28.80 15.22 2.22
CA ILE A 88 -29.42 15.65 1.00
C ILE A 88 -30.26 14.54 0.40
N ASN A 89 -31.53 14.84 0.13
CA ASN A 89 -32.40 13.84 -0.49
C ASN A 89 -32.92 14.35 -1.84
N THR A 90 -32.79 15.65 -2.09
CA THR A 90 -33.22 16.19 -3.38
C THR A 90 -32.43 17.46 -3.71
N ILE A 91 -31.97 17.55 -4.96
CA ILE A 91 -31.18 18.65 -5.49
C ILE A 91 -31.75 19.08 -6.85
N GLU A 92 -32.02 20.38 -7.02
CA GLU A 92 -32.58 20.84 -8.29
C GLU A 92 -31.58 20.63 -9.43
N GLY A 93 -32.10 20.24 -10.59
CA GLY A 93 -31.29 20.01 -11.77
C GLY A 93 -30.26 21.09 -12.05
N ASP A 94 -30.60 22.36 -11.82
CA ASP A 94 -29.65 23.41 -12.12
C ASP A 94 -28.91 23.95 -10.91
N ALA A 95 -28.87 23.14 -9.87
CA ALA A 95 -28.22 23.57 -8.65
C ALA A 95 -26.77 23.97 -8.79
N PHE A 96 -26.07 23.36 -9.75
CA PHE A 96 -24.66 23.61 -9.97
C PHE A 96 -24.39 24.36 -11.24
N TYR A 97 -25.42 25.03 -11.77
CA TYR A 97 -25.32 25.76 -13.03
C TYR A 97 -24.20 26.77 -13.20
N SER A 98 -23.71 27.34 -12.11
CA SER A 98 -22.67 28.34 -12.24
C SER A 98 -21.28 27.85 -11.79
N LEU A 99 -21.20 26.57 -11.42
CA LEU A 99 -19.95 25.96 -10.95
C LEU A 99 -19.12 25.45 -12.12
N GLY A 100 -18.92 26.31 -13.12
CA GLY A 100 -18.16 25.93 -14.29
C GLY A 100 -16.68 25.62 -14.10
N SER A 101 -16.16 25.85 -12.90
CA SER A 101 -14.76 25.59 -12.60
C SER A 101 -14.65 24.54 -11.54
N LEU A 102 -15.78 23.98 -11.13
CA LEU A 102 -15.73 22.96 -10.10
C LEU A 102 -14.92 21.79 -10.65
N GLU A 103 -13.99 21.27 -9.85
CA GLU A 103 -13.16 20.13 -10.26
C GLU A 103 -13.39 18.91 -9.36
N HIS A 104 -13.90 19.18 -8.17
CA HIS A 104 -14.13 18.16 -7.15
C HIS A 104 -15.55 18.30 -6.59
N LEU A 105 -16.34 17.22 -6.61
CA LEU A 105 -17.71 17.23 -6.08
C LEU A 105 -17.97 15.91 -5.33
N ASP A 106 -18.15 16.00 -4.01
CA ASP A 106 -18.38 14.81 -3.20
C ASP A 106 -19.81 14.78 -2.66
N LEU A 107 -20.66 13.93 -3.24
CA LEU A 107 -22.03 13.82 -2.78
C LEU A 107 -22.21 12.45 -2.14
N SER A 108 -21.14 11.86 -1.65
CA SER A 108 -21.29 10.53 -1.08
C SER A 108 -22.06 10.52 0.22
N ASP A 109 -22.59 9.36 0.55
CA ASP A 109 -23.32 9.16 1.79
C ASP A 109 -24.44 10.16 2.13
N ASN A 110 -25.33 10.43 1.17
CA ASN A 110 -26.45 11.31 1.41
C ASN A 110 -27.70 10.48 1.15
N HIS A 111 -28.85 11.13 0.94
CA HIS A 111 -30.10 10.40 0.71
C HIS A 111 -30.66 10.53 -0.71
N LEU A 112 -29.80 10.47 -1.70
CA LEU A 112 -30.24 10.60 -3.09
C LEU A 112 -30.79 9.25 -3.59
N SER A 113 -32.09 9.21 -3.89
CA SER A 113 -32.75 8.02 -4.41
C SER A 113 -32.70 8.00 -5.94
N SER A 114 -32.52 9.19 -6.53
CA SER A 114 -32.49 9.38 -7.94
C SER A 114 -31.42 10.35 -8.40
N LEU A 115 -30.65 9.99 -9.41
CA LEU A 115 -29.63 10.90 -9.86
C LEU A 115 -30.17 11.68 -11.08
N SER A 116 -29.61 12.85 -11.37
CA SER A 116 -30.08 13.63 -12.47
C SER A 116 -28.97 14.16 -13.38
N SER A 117 -29.09 13.87 -14.69
CA SER A 117 -28.06 14.33 -15.64
C SER A 117 -27.95 15.84 -15.66
N SER A 118 -29.01 16.50 -15.25
CA SER A 118 -28.96 17.96 -15.23
C SER A 118 -27.84 18.48 -14.32
N TRP A 119 -27.58 17.83 -13.21
CA TRP A 119 -26.54 18.26 -12.30
C TRP A 119 -25.22 18.45 -12.97
N PHE A 120 -24.87 17.49 -13.79
CA PHE A 120 -23.58 17.49 -14.42
C PHE A 120 -23.41 18.28 -15.71
N GLY A 121 -24.52 18.69 -16.31
CA GLY A 121 -24.42 19.44 -17.55
C GLY A 121 -23.38 20.56 -17.57
N PRO A 122 -23.30 21.40 -16.54
CA PRO A 122 -22.30 22.48 -16.59
C PRO A 122 -20.95 22.19 -16.00
N LEU A 123 -20.83 21.09 -15.27
CA LEU A 123 -19.57 20.77 -14.62
C LEU A 123 -18.49 20.24 -15.56
N SER A 124 -18.20 21.03 -16.60
CA SER A 124 -17.23 20.64 -17.60
C SER A 124 -15.79 20.53 -17.08
N SER A 125 -15.53 21.10 -15.90
CA SER A 125 -14.18 21.04 -15.32
C SER A 125 -14.02 19.92 -14.31
N LEU A 126 -15.10 19.18 -14.06
CA LEU A 126 -15.09 18.11 -13.06
C LEU A 126 -14.06 17.03 -13.30
N LYS A 127 -13.23 16.81 -12.28
CA LYS A 127 -12.20 15.78 -12.33
C LYS A 127 -12.57 14.65 -11.37
N TYR A 128 -13.24 15.01 -10.27
CA TYR A 128 -13.64 14.04 -9.24
C TYR A 128 -15.12 14.14 -8.93
N LEU A 129 -15.80 12.99 -8.90
CA LEU A 129 -17.21 12.94 -8.60
C LEU A 129 -17.43 11.69 -7.78
N ASN A 130 -18.04 11.88 -6.62
CA ASN A 130 -18.33 10.76 -5.75
C ASN A 130 -19.83 10.76 -5.40
N LEU A 131 -20.55 9.78 -5.91
CA LEU A 131 -21.98 9.63 -5.69
C LEU A 131 -22.20 8.34 -4.93
N MET A 132 -21.12 7.75 -4.46
CA MET A 132 -21.20 6.50 -3.70
C MET A 132 -21.93 6.63 -2.34
N GLY A 133 -22.61 5.61 -1.90
CA GLY A 133 -23.28 5.70 -0.62
C GLY A 133 -24.66 6.34 -0.59
N ASN A 134 -25.32 6.44 -1.75
CA ASN A 134 -26.66 6.98 -1.83
C ASN A 134 -27.57 5.82 -2.18
N PRO A 135 -28.79 5.81 -1.65
CA PRO A 135 -29.67 4.67 -1.96
C PRO A 135 -30.30 4.51 -3.32
N TYR A 136 -29.69 5.05 -4.37
CA TYR A 136 -30.30 4.86 -5.69
C TYR A 136 -30.24 3.39 -6.13
N GLN A 137 -31.18 3.00 -6.97
CA GLN A 137 -31.28 1.61 -7.46
C GLN A 137 -30.52 1.43 -8.77
N THR A 138 -30.42 2.52 -9.52
CA THR A 138 -29.75 2.56 -10.81
C THR A 138 -29.30 3.97 -11.10
N LEU A 139 -28.56 4.18 -12.18
CA LEU A 139 -28.11 5.53 -12.50
C LEU A 139 -29.18 6.36 -13.18
N GLY A 140 -30.35 5.79 -13.43
CA GLY A 140 -31.40 6.53 -14.11
C GLY A 140 -31.48 6.27 -15.62
N VAL A 141 -32.58 6.67 -16.26
CA VAL A 141 -32.70 6.42 -17.69
C VAL A 141 -32.04 7.43 -18.60
N THR A 142 -31.01 8.12 -18.09
CA THR A 142 -30.28 9.09 -18.91
C THR A 142 -28.80 9.08 -18.55
N SER A 143 -27.93 8.93 -19.55
CA SER A 143 -26.50 8.93 -19.25
C SER A 143 -26.15 10.16 -18.42
N LEU A 144 -25.64 9.96 -17.21
CA LEU A 144 -25.30 11.08 -16.33
C LEU A 144 -24.01 11.79 -16.62
N PHE A 145 -23.04 11.10 -17.21
CA PHE A 145 -21.70 11.66 -17.38
C PHE A 145 -21.16 12.16 -18.70
N PRO A 146 -21.95 12.20 -19.77
CA PRO A 146 -21.42 12.68 -21.05
C PRO A 146 -20.75 14.05 -21.13
N ASN A 147 -21.16 15.03 -20.32
CA ASN A 147 -20.51 16.35 -20.39
C ASN A 147 -19.22 16.42 -19.55
N LEU A 148 -19.01 15.44 -18.69
CA LEU A 148 -17.84 15.41 -17.82
C LEU A 148 -16.53 15.03 -18.54
N THR A 149 -16.24 15.71 -19.64
CA THR A 149 -15.05 15.41 -20.45
C THR A 149 -13.68 15.44 -19.79
N ASN A 150 -13.57 16.00 -18.58
CA ASN A 150 -12.30 16.02 -17.86
C ASN A 150 -12.29 15.10 -16.66
N LEU A 151 -13.35 14.30 -16.50
CA LEU A 151 -13.46 13.41 -15.36
C LEU A 151 -12.34 12.39 -15.27
N GLN A 152 -11.83 12.21 -14.05
CA GLN A 152 -10.73 11.27 -13.77
C GLN A 152 -11.13 10.21 -12.73
N THR A 153 -11.83 10.63 -11.68
CA THR A 153 -12.25 9.70 -10.64
C THR A 153 -13.76 9.70 -10.56
N LEU A 154 -14.34 8.50 -10.61
CA LEU A 154 -15.77 8.36 -10.52
C LEU A 154 -16.07 7.20 -9.61
N ARG A 155 -16.80 7.45 -8.52
CA ARG A 155 -17.17 6.35 -7.64
C ARG A 155 -18.70 6.40 -7.58
N ILE A 156 -19.34 5.26 -7.77
CA ILE A 156 -20.80 5.15 -7.73
C ILE A 156 -21.19 3.90 -7.00
N GLY A 157 -22.48 3.74 -6.73
CA GLY A 157 -22.94 2.53 -6.08
C GLY A 157 -23.20 2.59 -4.60
N ASN A 158 -23.49 1.44 -4.02
CA ASN A 158 -23.76 1.27 -2.60
C ASN A 158 -23.84 -0.21 -2.26
N VAL A 159 -24.15 -0.48 -1.00
CA VAL A 159 -24.20 -1.84 -0.52
C VAL A 159 -25.49 -2.57 -0.74
N GLU A 160 -26.59 -1.90 -0.44
CA GLU A 160 -27.87 -2.60 -0.48
C GLU A 160 -28.89 -2.39 -1.57
N THR A 161 -28.75 -1.37 -2.39
CA THR A 161 -29.79 -1.16 -3.38
C THR A 161 -29.38 -1.04 -4.84
N PHE A 162 -28.17 -0.55 -5.09
CA PHE A 162 -27.71 -0.40 -6.46
C PHE A 162 -27.74 -1.83 -7.02
N SER A 163 -28.67 -2.08 -7.94
CA SER A 163 -28.81 -3.42 -8.49
C SER A 163 -28.65 -3.51 -9.99
N GLU A 164 -28.55 -2.41 -10.70
CA GLU A 164 -28.39 -2.55 -12.14
C GLU A 164 -27.35 -1.63 -12.70
N ILE A 165 -26.66 -2.13 -13.73
CA ILE A 165 -25.64 -1.38 -14.47
C ILE A 165 -26.12 -1.56 -15.90
N ARG A 166 -26.44 -0.47 -16.57
CA ARG A 166 -26.97 -0.51 -17.92
C ARG A 166 -26.03 0.07 -19.00
N ARG A 167 -26.33 -0.23 -20.27
CA ARG A 167 -25.46 0.19 -21.38
C ARG A 167 -25.38 1.68 -21.65
N ILE A 168 -26.33 2.44 -21.11
CA ILE A 168 -26.28 3.87 -21.28
C ILE A 168 -25.42 4.52 -20.18
N ASP A 169 -25.26 3.82 -19.05
CA ASP A 169 -24.54 4.34 -17.91
C ASP A 169 -23.21 5.06 -18.11
N PHE A 170 -22.33 4.54 -18.98
CA PHE A 170 -21.03 5.21 -19.08
C PHE A 170 -20.75 5.89 -20.40
N ALA A 171 -21.80 6.07 -21.18
CA ALA A 171 -21.65 6.76 -22.44
C ALA A 171 -20.99 8.12 -22.22
N GLY A 172 -20.14 8.53 -23.15
CA GLY A 172 -19.50 9.82 -22.98
C GLY A 172 -18.11 9.77 -22.42
N LEU A 173 -17.88 8.84 -21.53
CA LEU A 173 -16.57 8.73 -20.93
C LEU A 173 -15.61 7.92 -21.80
N THR A 174 -14.40 8.44 -21.97
CA THR A 174 -13.39 7.76 -22.79
C THR A 174 -12.35 7.10 -21.89
N SER A 175 -11.79 7.88 -20.96
CA SER A 175 -10.81 7.31 -20.03
C SER A 175 -10.97 7.83 -18.61
N LEU A 176 -10.52 7.03 -17.65
CA LEU A 176 -10.61 7.36 -16.24
C LEU A 176 -9.41 6.80 -15.46
N ASN A 177 -8.92 7.52 -14.44
CA ASN A 177 -7.82 6.99 -13.64
C ASN A 177 -8.45 5.94 -12.76
N GLU A 178 -9.52 6.37 -12.07
CA GLU A 178 -10.21 5.49 -11.15
C GLU A 178 -11.72 5.43 -11.37
N LEU A 179 -12.25 4.22 -11.35
CA LEU A 179 -13.65 3.97 -11.49
C LEU A 179 -14.01 2.96 -10.43
N GLU A 180 -14.73 3.39 -9.40
CA GLU A 180 -15.10 2.44 -8.36
C GLU A 180 -16.61 2.18 -8.45
N ILE A 181 -17.00 0.91 -8.57
CA ILE A 181 -18.42 0.55 -8.60
C ILE A 181 -18.77 -0.42 -7.46
N LYS A 182 -19.48 0.10 -6.46
CA LYS A 182 -19.90 -0.68 -5.30
C LYS A 182 -21.27 -1.28 -5.63
N ALA A 183 -21.34 -2.56 -6.01
CA ALA A 183 -22.60 -3.21 -6.39
C ALA A 183 -22.78 -4.59 -5.75
N LEU A 184 -22.70 -4.61 -4.43
CA LEU A 184 -22.83 -5.82 -3.64
C LEU A 184 -24.24 -6.39 -3.73
N SER A 185 -25.11 -5.68 -4.42
CA SER A 185 -26.49 -6.13 -4.56
C SER A 185 -26.83 -6.28 -6.02
N LEU A 186 -25.83 -6.11 -6.89
CA LEU A 186 -26.03 -6.25 -8.31
C LEU A 186 -26.95 -7.43 -8.59
N ARG A 187 -27.97 -7.20 -9.42
CA ARG A 187 -28.92 -8.22 -9.82
C ARG A 187 -29.02 -8.25 -11.34
N ASN A 188 -28.44 -7.23 -11.98
CA ASN A 188 -28.47 -7.16 -13.43
C ASN A 188 -27.39 -6.30 -14.05
N TYR A 189 -26.49 -6.98 -14.79
CA TYR A 189 -25.43 -6.33 -15.53
C TYR A 189 -25.73 -6.48 -17.03
N GLN A 190 -25.90 -5.38 -17.74
CA GLN A 190 -26.17 -5.46 -19.17
C GLN A 190 -24.82 -5.54 -19.92
N SER A 191 -24.65 -6.60 -20.70
CA SER A 191 -23.44 -6.83 -21.45
C SER A 191 -23.13 -5.67 -22.37
N GLN A 192 -21.86 -5.26 -22.35
CA GLN A 192 -21.33 -4.15 -23.15
C GLN A 192 -21.32 -2.82 -22.40
N SER A 193 -21.87 -2.78 -21.18
CA SER A 193 -21.91 -1.55 -20.39
C SER A 193 -20.54 -0.89 -20.16
N LEU A 194 -19.62 -1.63 -19.56
CA LEU A 194 -18.30 -1.06 -19.29
C LEU A 194 -17.43 -0.96 -20.55
N LYS A 195 -17.84 -1.64 -21.61
CA LYS A 195 -17.07 -1.67 -22.88
C LYS A 195 -16.84 -0.36 -23.64
N SER A 196 -17.70 0.61 -23.45
CA SER A 196 -17.54 1.86 -24.16
C SER A 196 -16.37 2.70 -23.66
N ILE A 197 -15.92 2.46 -22.43
CA ILE A 197 -14.78 3.23 -21.89
C ILE A 197 -13.48 2.65 -22.47
N ARG A 198 -12.68 3.54 -23.04
CA ARG A 198 -11.42 3.21 -23.69
C ARG A 198 -10.27 2.91 -22.75
N ASP A 199 -10.13 3.69 -21.68
CA ASP A 199 -9.06 3.49 -20.72
C ASP A 199 -9.47 3.76 -19.29
N ILE A 200 -9.27 2.75 -18.43
CA ILE A 200 -9.53 2.84 -17.01
C ILE A 200 -8.27 2.35 -16.32
N HIS A 201 -7.56 3.20 -15.60
CA HIS A 201 -6.37 2.70 -14.96
C HIS A 201 -6.60 1.79 -13.76
N HIS A 202 -7.51 2.18 -12.89
CA HIS A 202 -7.84 1.41 -11.70
C HIS A 202 -9.37 1.24 -11.62
N LEU A 203 -9.87 0.02 -11.79
CA LEU A 203 -11.31 -0.27 -11.69
C LEU A 203 -11.55 -1.09 -10.43
N THR A 204 -12.27 -0.52 -9.46
CA THR A 204 -12.59 -1.25 -8.23
C THR A 204 -14.04 -1.72 -8.28
N LEU A 205 -14.24 -3.02 -8.12
CA LEU A 205 -15.57 -3.58 -8.18
C LEU A 205 -15.90 -4.24 -6.89
N HIS A 206 -17.10 -3.98 -6.39
CA HIS A 206 -17.58 -4.64 -5.16
C HIS A 206 -18.70 -5.57 -5.63
N LEU A 207 -18.44 -6.86 -5.61
CA LEU A 207 -19.42 -7.85 -6.03
C LEU A 207 -19.53 -8.92 -4.96
N SER A 208 -20.75 -9.29 -4.58
CA SER A 208 -20.84 -10.29 -3.52
C SER A 208 -20.90 -11.72 -4.05
N GLU A 209 -21.29 -11.85 -5.31
CA GLU A 209 -21.38 -13.16 -5.93
C GLU A 209 -20.66 -13.18 -7.28
N SER A 210 -20.42 -14.35 -7.83
CA SER A 210 -19.67 -14.45 -9.09
C SER A 210 -20.60 -14.31 -10.29
N ALA A 211 -21.87 -14.14 -9.98
CA ALA A 211 -22.90 -13.98 -10.99
C ALA A 211 -22.55 -13.32 -12.32
N PHE A 212 -22.08 -12.08 -12.34
CA PHE A 212 -21.80 -11.48 -13.63
C PHE A 212 -20.35 -11.23 -13.93
N LEU A 213 -19.46 -11.83 -13.15
CA LEU A 213 -18.03 -11.64 -13.33
C LEU A 213 -17.54 -11.91 -14.77
N LEU A 214 -17.97 -13.02 -15.36
CA LEU A 214 -17.55 -13.35 -16.73
C LEU A 214 -17.77 -12.25 -17.75
N GLU A 215 -18.96 -11.66 -17.74
CA GLU A 215 -19.28 -10.60 -18.67
C GLU A 215 -18.64 -9.29 -18.31
N ILE A 216 -18.58 -8.96 -17.04
CA ILE A 216 -17.92 -7.70 -16.69
C ILE A 216 -16.46 -7.84 -17.15
N PHE A 217 -15.85 -8.98 -16.82
CA PHE A 217 -14.49 -9.22 -17.21
C PHE A 217 -14.35 -9.05 -18.72
N ALA A 218 -15.26 -9.64 -19.47
CA ALA A 218 -15.19 -9.52 -20.92
C ALA A 218 -15.19 -8.09 -21.43
N ASP A 219 -15.95 -7.22 -20.76
CA ASP A 219 -16.09 -5.83 -21.16
C ASP A 219 -14.94 -4.88 -20.84
N ILE A 220 -13.95 -5.35 -20.08
CA ILE A 220 -12.86 -4.47 -19.74
C ILE A 220 -11.51 -4.92 -20.27
N LEU A 221 -11.51 -5.98 -21.08
CA LEU A 221 -10.26 -6.52 -21.62
C LEU A 221 -9.36 -5.56 -22.39
N SER A 222 -9.92 -4.51 -22.97
CA SER A 222 -9.12 -3.54 -23.71
C SER A 222 -8.80 -2.29 -22.97
N SER A 223 -9.48 -2.10 -21.85
CA SER A 223 -9.33 -0.86 -21.10
C SER A 223 -8.70 -0.82 -19.70
N VAL A 224 -8.91 -1.83 -18.88
CA VAL A 224 -8.42 -1.84 -17.51
C VAL A 224 -6.99 -2.31 -17.31
N ARG A 225 -6.16 -1.42 -16.76
CA ARG A 225 -4.77 -1.76 -16.48
C ARG A 225 -4.65 -2.42 -15.11
N TYR A 226 -5.57 -2.16 -14.18
CA TYR A 226 -5.50 -2.69 -12.80
C TYR A 226 -6.93 -2.97 -12.33
N LEU A 227 -7.27 -4.25 -12.18
CA LEU A 227 -8.61 -4.62 -11.78
C LEU A 227 -8.57 -5.09 -10.32
N GLU A 228 -9.47 -4.58 -9.50
CA GLU A 228 -9.53 -4.96 -8.11
C GLU A 228 -10.97 -5.44 -7.76
N LEU A 229 -11.13 -6.67 -7.28
CA LEU A 229 -12.46 -7.20 -6.92
C LEU A 229 -12.58 -7.29 -5.44
N ARG A 230 -13.63 -6.72 -4.87
CA ARG A 230 -13.82 -6.80 -3.42
C ARG A 230 -15.03 -7.60 -2.93
N ASP A 231 -14.84 -8.30 -1.82
CA ASP A 231 -15.86 -9.05 -1.17
C ASP A 231 -16.74 -9.99 -1.97
N THR A 232 -16.15 -10.73 -2.88
CA THR A 232 -16.91 -11.63 -3.73
C THR A 232 -16.78 -13.06 -3.29
N ASN A 233 -17.89 -13.76 -3.15
CA ASN A 233 -17.87 -15.17 -2.81
C ASN A 233 -17.64 -15.73 -4.21
N LEU A 234 -16.47 -16.34 -4.45
CA LEU A 234 -16.16 -16.85 -5.76
C LEU A 234 -16.17 -18.38 -5.76
N ALA A 235 -16.59 -18.93 -4.62
CA ALA A 235 -16.63 -20.38 -4.43
C ALA A 235 -17.38 -21.17 -5.49
N ARG A 236 -18.36 -20.58 -6.15
CA ARG A 236 -19.07 -21.32 -7.17
C ARG A 236 -18.83 -20.72 -8.56
N PHE A 237 -17.73 -20.02 -8.72
CA PHE A 237 -17.42 -19.43 -10.00
C PHE A 237 -17.03 -20.51 -10.99
N GLN A 238 -17.38 -20.32 -12.26
CA GLN A 238 -17.06 -21.27 -13.32
C GLN A 238 -16.63 -20.49 -14.53
N PHE A 239 -15.73 -21.06 -15.31
CA PHE A 239 -15.26 -20.39 -16.51
C PHE A 239 -15.75 -21.03 -17.79
N SER A 240 -15.92 -20.20 -18.80
CA SER A 240 -16.35 -20.65 -20.12
C SER A 240 -15.76 -19.59 -21.04
N PRO A 241 -15.20 -20.01 -22.20
CA PRO A 241 -14.61 -18.98 -23.08
C PRO A 241 -15.46 -17.74 -23.27
N LEU A 242 -14.79 -16.61 -23.41
CA LEU A 242 -15.46 -15.34 -23.58
C LEU A 242 -15.65 -15.04 -25.08
N PRO A 243 -16.90 -14.72 -25.50
CA PRO A 243 -17.18 -14.41 -26.90
C PRO A 243 -16.56 -13.05 -27.25
N VAL A 244 -15.25 -13.01 -27.33
CA VAL A 244 -14.53 -11.77 -27.62
C VAL A 244 -13.48 -12.04 -28.67
N ASP A 245 -12.91 -10.96 -29.18
CA ASP A 245 -11.86 -11.04 -30.18
C ASP A 245 -10.50 -11.11 -29.52
N GLU A 246 -9.59 -11.81 -30.17
CA GLU A 246 -8.25 -11.89 -29.62
C GLU A 246 -7.59 -10.51 -29.69
N VAL A 247 -7.68 -9.78 -28.57
CA VAL A 247 -7.07 -8.45 -28.43
C VAL A 247 -6.03 -8.39 -27.31
N SER A 248 -5.04 -7.51 -27.46
CA SER A 248 -4.02 -7.37 -26.43
C SER A 248 -4.61 -6.59 -25.26
N SER A 249 -4.67 -7.23 -24.09
CA SER A 249 -5.23 -6.60 -22.91
C SER A 249 -4.21 -5.77 -22.16
N PRO A 250 -4.60 -4.57 -21.69
CA PRO A 250 -3.59 -3.78 -20.94
C PRO A 250 -3.45 -4.06 -19.43
N MET A 251 -4.11 -5.11 -18.96
CA MET A 251 -4.07 -5.44 -17.56
C MET A 251 -2.69 -5.84 -17.04
N LYS A 252 -2.20 -5.13 -16.03
CA LYS A 252 -0.91 -5.45 -15.44
C LYS A 252 -1.08 -5.95 -14.01
N LYS A 253 -2.16 -5.54 -13.35
CA LYS A 253 -2.40 -5.93 -11.97
C LYS A 253 -3.83 -6.43 -11.73
N LEU A 254 -3.98 -7.53 -11.01
CA LEU A 254 -5.29 -8.10 -10.71
C LEU A 254 -5.34 -8.32 -9.18
N ALA A 255 -6.26 -7.66 -8.46
CA ALA A 255 -6.31 -7.86 -7.02
C ALA A 255 -7.67 -8.31 -6.46
N PHE A 256 -7.64 -9.33 -5.60
CA PHE A 256 -8.85 -9.84 -4.95
C PHE A 256 -8.74 -9.45 -3.47
N ARG A 257 -9.69 -8.68 -2.93
CA ARG A 257 -9.60 -8.29 -1.52
C ARG A 257 -10.20 -9.23 -0.46
N GLY A 258 -11.54 -9.32 -0.36
CA GLY A 258 -12.09 -10.22 0.66
C GLY A 258 -12.86 -11.36 0.03
N SER A 259 -12.17 -12.13 -0.79
CA SER A 259 -12.81 -13.23 -1.49
C SER A 259 -12.88 -14.54 -0.76
N VAL A 260 -13.87 -15.34 -1.14
CA VAL A 260 -14.05 -16.68 -0.60
C VAL A 260 -13.79 -17.61 -1.77
N LEU A 261 -12.69 -18.35 -1.72
CA LEU A 261 -12.37 -19.27 -2.80
C LEU A 261 -12.41 -20.75 -2.41
N THR A 262 -12.29 -21.61 -3.41
CA THR A 262 -12.22 -23.04 -3.19
C THR A 262 -11.14 -23.46 -4.18
N ASP A 263 -10.52 -24.61 -3.90
CA ASP A 263 -9.48 -25.11 -4.76
C ASP A 263 -10.00 -25.23 -6.20
N GLU A 264 -11.25 -25.61 -6.33
CA GLU A 264 -11.91 -25.79 -7.63
C GLU A 264 -12.24 -24.49 -8.35
N SER A 265 -12.69 -23.48 -7.60
CA SER A 265 -13.01 -22.21 -8.26
C SER A 265 -11.72 -21.46 -8.55
N PHE A 266 -10.72 -21.59 -7.69
CA PHE A 266 -9.47 -20.90 -7.94
C PHE A 266 -8.93 -21.26 -9.33
N ASN A 267 -9.00 -22.56 -9.65
CA ASN A 267 -8.51 -23.04 -10.94
C ASN A 267 -9.38 -22.48 -12.08
N GLU A 268 -10.68 -22.33 -11.83
CA GLU A 268 -11.54 -21.76 -12.83
C GLU A 268 -11.12 -20.30 -13.09
N LEU A 269 -10.72 -19.61 -12.03
CA LEU A 269 -10.29 -18.24 -12.15
C LEU A 269 -9.00 -18.11 -12.89
N LEU A 270 -8.11 -19.08 -12.73
CA LEU A 270 -6.83 -18.99 -13.40
C LEU A 270 -6.92 -19.03 -14.90
N LYS A 271 -7.98 -19.63 -15.41
CA LYS A 271 -8.18 -19.70 -16.86
C LYS A 271 -8.38 -18.32 -17.48
N LEU A 272 -8.83 -17.35 -16.71
CA LEU A 272 -9.03 -15.98 -17.23
C LEU A 272 -7.70 -15.35 -17.62
N LEU A 273 -6.58 -15.94 -17.19
CA LEU A 273 -5.29 -15.37 -17.50
C LEU A 273 -4.91 -15.50 -18.96
N ARG A 274 -5.70 -16.26 -19.70
CA ARG A 274 -5.43 -16.46 -21.12
C ARG A 274 -5.85 -15.24 -21.90
N TYR A 275 -6.47 -14.30 -21.19
CA TYR A 275 -6.97 -13.07 -21.81
C TYR A 275 -6.21 -11.86 -21.38
N ILE A 276 -5.37 -12.05 -20.37
CA ILE A 276 -4.58 -10.94 -19.84
C ILE A 276 -3.11 -11.33 -19.85
N LEU A 277 -2.62 -11.57 -21.07
CA LEU A 277 -1.25 -12.00 -21.31
C LEU A 277 -0.20 -11.09 -20.70
N GLU A 278 -0.52 -9.83 -20.44
CA GLU A 278 0.52 -9.00 -19.85
C GLU A 278 0.41 -8.84 -18.35
N LEU A 279 -0.48 -9.62 -17.73
CA LEU A 279 -0.68 -9.56 -16.28
C LEU A 279 0.68 -9.85 -15.62
N SER A 280 1.10 -9.02 -14.67
CA SER A 280 2.39 -9.32 -14.08
C SER A 280 2.40 -9.31 -12.59
N GLU A 281 1.27 -8.96 -12.01
CA GLU A 281 1.13 -8.86 -10.54
C GLU A 281 -0.28 -9.27 -10.11
N VAL A 282 -0.37 -10.12 -9.08
CA VAL A 282 -1.65 -10.58 -8.55
C VAL A 282 -1.62 -10.48 -7.06
N GLU A 283 -2.67 -9.90 -6.46
CA GLU A 283 -2.80 -9.78 -5.00
C GLU A 283 -4.05 -10.46 -4.44
N PHE A 284 -3.93 -10.98 -3.23
CA PHE A 284 -5.04 -11.63 -2.54
C PHE A 284 -4.98 -11.14 -1.11
N ASP A 285 -5.94 -10.32 -0.68
CA ASP A 285 -5.85 -9.87 0.69
C ASP A 285 -6.64 -10.74 1.67
N ASP A 286 -7.60 -10.19 2.39
CA ASP A 286 -8.32 -11.00 3.35
C ASP A 286 -9.22 -12.09 2.76
N CYS A 287 -8.62 -12.99 1.98
CA CYS A 287 -9.35 -14.05 1.33
C CYS A 287 -9.37 -15.35 2.12
N THR A 288 -10.40 -16.15 1.87
CA THR A 288 -10.50 -17.45 2.52
C THR A 288 -10.41 -18.48 1.42
N LEU A 289 -9.80 -19.62 1.68
CA LEU A 289 -9.65 -20.64 0.66
C LEU A 289 -9.95 -21.99 1.29
N ASN A 290 -11.12 -22.55 1.01
CA ASN A 290 -11.44 -23.85 1.61
C ASN A 290 -11.76 -24.96 0.64
N GLY A 291 -10.86 -25.22 -0.30
CA GLY A 291 -11.04 -26.27 -1.30
C GLY A 291 -11.48 -27.60 -0.71
N LEU A 292 -12.78 -27.91 -0.91
CA LEU A 292 -13.44 -29.13 -0.42
C LEU A 292 -13.24 -30.40 -1.29
N GLY A 293 -13.79 -30.38 -2.50
CA GLY A 293 -13.68 -31.53 -3.41
C GLY A 293 -12.34 -31.71 -4.12
N ASP A 294 -11.63 -30.62 -4.37
CA ASP A 294 -10.34 -30.70 -5.03
C ASP A 294 -10.42 -31.23 -6.45
N PHE A 295 -10.16 -30.35 -7.42
CA PHE A 295 -10.17 -30.68 -8.86
C PHE A 295 -9.45 -32.01 -9.26
N ASN A 296 -9.81 -32.57 -10.41
CA ASN A 296 -9.23 -33.80 -10.88
C ASN A 296 -8.87 -33.85 -12.38
N PRO A 297 -9.82 -33.49 -13.25
CA PRO A 297 -9.54 -33.51 -14.70
C PRO A 297 -8.30 -32.72 -15.12
N SER A 298 -7.19 -33.46 -15.29
CA SER A 298 -5.88 -32.91 -15.68
C SER A 298 -5.88 -32.08 -16.97
N GLU A 299 -6.95 -32.19 -17.77
CA GLU A 299 -7.05 -31.43 -19.02
C GLU A 299 -7.63 -30.03 -18.76
N SER A 300 -8.60 -29.94 -17.84
CA SER A 300 -9.22 -28.67 -17.50
C SER A 300 -8.44 -28.03 -16.36
N ASP A 301 -7.16 -28.38 -16.27
CA ASP A 301 -6.31 -27.86 -15.21
C ASP A 301 -5.25 -26.87 -15.71
N VAL A 302 -5.35 -25.63 -15.24
CA VAL A 302 -4.42 -24.58 -15.67
C VAL A 302 -3.17 -24.57 -14.81
N VAL A 303 -2.07 -24.99 -15.42
CA VAL A 303 -0.78 -25.06 -14.75
C VAL A 303 0.17 -24.15 -15.49
N SER A 304 1.34 -23.93 -14.91
CA SER A 304 2.37 -23.11 -15.54
C SER A 304 1.71 -22.05 -16.42
N GLU A 305 0.67 -21.44 -15.88
CA GLU A 305 0.01 -20.45 -16.65
C GLU A 305 0.04 -19.10 -16.00
N LEU A 306 0.98 -18.84 -15.11
CA LEU A 306 0.96 -17.52 -14.54
C LEU A 306 1.50 -16.57 -15.59
N GLY A 307 1.76 -17.12 -16.77
CA GLY A 307 2.26 -16.33 -17.87
C GLY A 307 3.41 -15.46 -17.48
N LYS A 308 3.24 -14.16 -17.47
CA LYS A 308 4.34 -13.27 -17.12
C LYS A 308 4.23 -12.70 -15.72
N VAL A 309 3.40 -13.33 -14.91
CA VAL A 309 3.20 -12.88 -13.53
C VAL A 309 4.51 -13.09 -12.78
N GLU A 310 5.08 -12.00 -12.28
CA GLU A 310 6.35 -12.08 -11.57
C GLU A 310 6.23 -11.79 -10.09
N THR A 311 5.12 -11.16 -9.69
CA THR A 311 4.88 -10.78 -8.31
C THR A 311 3.56 -11.36 -7.83
N VAL A 312 3.60 -12.15 -6.76
CA VAL A 312 2.38 -12.72 -6.20
C VAL A 312 2.34 -12.17 -4.78
N THR A 313 1.27 -11.45 -4.41
CA THR A 313 1.19 -10.85 -3.07
C THR A 313 -0.01 -11.27 -2.23
N ILE A 314 0.21 -12.13 -1.24
CA ILE A 314 -0.85 -12.61 -0.33
C ILE A 314 -0.74 -12.04 1.08
N ARG A 315 -1.86 -11.52 1.57
CA ARG A 315 -1.93 -10.95 2.93
C ARG A 315 -3.15 -11.53 3.66
N ARG A 316 -2.97 -11.94 4.91
CA ARG A 316 -4.08 -12.46 5.70
C ARG A 316 -4.96 -13.48 4.99
N LEU A 317 -4.35 -14.57 4.53
CA LEU A 317 -5.08 -15.64 3.89
C LEU A 317 -5.57 -16.58 5.01
N HIS A 318 -6.76 -17.16 4.85
CA HIS A 318 -7.28 -18.09 5.84
C HIS A 318 -7.61 -19.43 5.18
N ILE A 319 -6.82 -20.45 5.46
CA ILE A 319 -7.09 -21.78 4.94
C ILE A 319 -7.74 -22.53 6.11
N PRO A 320 -8.77 -23.36 5.86
CA PRO A 320 -9.35 -24.06 7.02
C PRO A 320 -8.28 -24.89 7.77
N GLN A 321 -7.94 -26.08 7.26
CA GLN A 321 -6.92 -26.94 7.88
C GLN A 321 -6.25 -27.92 6.89
N PHE A 322 -4.92 -27.91 6.84
CA PHE A 322 -4.19 -28.85 6.00
C PHE A 322 -4.11 -30.10 6.87
N TYR A 323 -4.67 -31.20 6.41
CA TYR A 323 -4.67 -32.44 7.19
C TYR A 323 -4.12 -33.61 6.36
N LEU A 324 -4.49 -33.63 5.09
CA LEU A 324 -4.03 -34.68 4.17
C LEU A 324 -3.01 -34.09 3.21
N PHE A 325 -2.17 -34.97 2.66
CA PHE A 325 -1.15 -34.56 1.69
C PHE A 325 -1.82 -33.92 0.49
N TYR A 326 -1.42 -32.69 0.16
CA TYR A 326 -1.99 -32.00 -0.99
C TYR A 326 -1.21 -32.49 -2.22
N ASP A 327 -0.34 -31.68 -2.79
CA ASP A 327 0.42 -32.13 -3.95
C ASP A 327 1.38 -31.05 -4.39
N LEU A 328 0.83 -29.89 -4.74
CA LEU A 328 1.67 -28.77 -5.12
C LEU A 328 2.40 -28.91 -6.46
N SER A 329 2.26 -30.06 -7.14
CA SER A 329 2.91 -30.20 -8.44
C SER A 329 2.43 -29.05 -9.31
N THR A 330 1.16 -28.77 -9.25
CA THR A 330 0.60 -27.68 -10.03
C THR A 330 1.09 -26.34 -9.55
N VAL A 331 1.11 -26.14 -8.24
CA VAL A 331 1.63 -24.90 -7.70
C VAL A 331 3.13 -24.73 -8.04
N TYR A 332 3.92 -25.81 -7.97
CA TYR A 332 5.35 -25.75 -8.30
C TYR A 332 5.40 -25.16 -9.72
N SER A 333 4.72 -25.80 -10.64
CA SER A 333 4.68 -25.33 -12.02
C SER A 333 4.19 -23.88 -12.11
N LEU A 334 3.06 -23.58 -11.47
CA LEU A 334 2.45 -22.24 -11.45
C LEU A 334 3.39 -21.14 -10.91
N LEU A 335 4.20 -21.48 -9.91
CA LEU A 335 5.06 -20.48 -9.32
C LEU A 335 6.47 -20.52 -9.87
N GLU A 336 6.69 -21.42 -10.82
CA GLU A 336 7.99 -21.62 -11.44
C GLU A 336 8.76 -20.38 -11.88
N LYS A 337 8.10 -19.39 -12.46
CA LYS A 337 8.83 -18.20 -12.92
C LYS A 337 8.63 -16.90 -12.19
N VAL A 338 7.99 -16.94 -11.02
CA VAL A 338 7.71 -15.74 -10.23
C VAL A 338 8.96 -15.28 -9.49
N LYS A 339 9.17 -13.96 -9.41
CA LYS A 339 10.36 -13.42 -8.77
C LYS A 339 10.15 -12.85 -7.38
N ARG A 340 8.95 -12.34 -7.13
CA ARG A 340 8.59 -11.78 -5.82
C ARG A 340 7.36 -12.49 -5.23
N ILE A 341 7.47 -12.98 -4.01
CA ILE A 341 6.33 -13.59 -3.37
C ILE A 341 6.23 -13.00 -1.97
N THR A 342 5.02 -12.64 -1.56
CA THR A 342 4.81 -12.11 -0.22
C THR A 342 3.65 -12.91 0.41
N VAL A 343 3.86 -13.52 1.56
CA VAL A 343 2.75 -14.21 2.20
C VAL A 343 2.80 -13.63 3.57
N GLU A 344 2.09 -12.53 3.75
CA GLU A 344 2.09 -11.84 5.02
C GLU A 344 0.92 -12.14 5.96
N ASN A 345 1.24 -12.10 7.25
CA ASN A 345 0.29 -12.30 8.33
C ASN A 345 -0.83 -13.30 7.97
N SER A 346 -0.42 -14.54 7.71
CA SER A 346 -1.36 -15.61 7.40
C SER A 346 -1.05 -16.84 8.22
N LYS A 347 -0.48 -16.65 9.42
CA LYS A 347 -0.16 -17.78 10.31
C LYS A 347 0.68 -18.91 9.68
N VAL A 348 1.65 -18.53 8.85
CA VAL A 348 2.50 -19.50 8.23
C VAL A 348 3.54 -19.96 9.26
N PHE A 349 3.73 -21.28 9.34
CA PHE A 349 4.72 -21.81 10.26
C PHE A 349 5.67 -22.69 9.46
N LEU A 350 5.33 -22.93 8.20
CA LEU A 350 6.19 -23.77 7.37
C LEU A 350 6.00 -23.61 5.86
N VAL A 351 7.10 -23.78 5.12
CA VAL A 351 7.07 -23.76 3.65
C VAL A 351 7.89 -25.02 3.43
N PRO A 352 7.24 -26.09 3.01
CA PRO A 352 8.00 -27.33 2.81
C PRO A 352 9.20 -27.20 1.91
N CYS A 353 10.25 -27.94 2.27
CA CYS A 353 11.46 -28.00 1.48
C CYS A 353 11.18 -28.21 0.00
N SER A 354 10.38 -29.21 -0.29
CA SER A 354 10.07 -29.51 -1.67
C SER A 354 9.55 -28.27 -2.40
N PHE A 355 8.68 -27.50 -1.74
CA PHE A 355 8.11 -26.30 -2.33
C PHE A 355 9.25 -25.32 -2.61
N SER A 356 9.95 -24.95 -1.55
CA SER A 356 11.10 -24.09 -1.69
C SER A 356 12.06 -24.50 -2.85
N GLN A 357 12.34 -25.79 -3.01
CA GLN A 357 13.25 -26.19 -4.09
C GLN A 357 12.69 -25.94 -5.47
N HIS A 358 11.37 -25.84 -5.59
CA HIS A 358 10.77 -25.60 -6.90
C HIS A 358 10.57 -24.11 -7.21
N LEU A 359 10.74 -23.23 -6.24
CA LEU A 359 10.59 -21.81 -6.53
C LEU A 359 11.95 -21.35 -7.08
N LYS A 360 12.25 -21.75 -8.31
CA LYS A 360 13.55 -21.45 -8.91
C LYS A 360 13.87 -20.04 -9.38
N SER A 361 12.85 -19.23 -9.65
CA SER A 361 13.10 -17.86 -10.12
C SER A 361 12.97 -16.80 -9.02
N LEU A 362 12.55 -17.23 -7.83
CA LEU A 362 12.30 -16.33 -6.73
C LEU A 362 13.52 -15.50 -6.25
N GLU A 363 13.37 -14.17 -6.21
CA GLU A 363 14.48 -13.33 -5.75
C GLU A 363 14.13 -12.64 -4.43
N PHE A 364 12.84 -12.35 -4.25
CA PHE A 364 12.34 -11.70 -3.04
C PHE A 364 11.24 -12.59 -2.41
N LEU A 365 11.33 -12.81 -1.09
CA LEU A 365 10.36 -13.63 -0.30
C LEU A 365 10.09 -12.91 1.01
N ASP A 366 8.84 -12.52 1.21
CA ASP A 366 8.44 -11.80 2.42
C ASP A 366 7.44 -12.65 3.25
N LEU A 367 7.85 -13.12 4.45
CA LEU A 367 6.99 -13.90 5.32
C LEU A 367 6.73 -13.08 6.59
N SER A 368 6.73 -11.76 6.46
CA SER A 368 6.47 -10.92 7.61
C SER A 368 5.23 -11.31 8.39
N GLU A 369 5.32 -11.18 9.70
CA GLU A 369 4.20 -11.44 10.60
C GLU A 369 3.63 -12.80 10.57
N ASN A 370 4.45 -13.82 10.65
CA ASN A 370 3.94 -15.17 10.67
C ASN A 370 4.41 -15.92 11.95
N LEU A 371 4.50 -17.24 11.87
CA LEU A 371 4.86 -18.04 13.03
C LEU A 371 6.10 -18.86 12.80
N MET A 372 7.05 -18.32 12.06
CA MET A 372 8.29 -19.07 11.81
C MET A 372 9.21 -19.13 13.05
N VAL A 373 9.74 -20.33 13.34
CA VAL A 373 10.70 -20.58 14.43
C VAL A 373 11.83 -21.39 13.74
N GLU A 374 13.03 -21.34 14.32
CA GLU A 374 14.19 -22.00 13.76
C GLU A 374 13.94 -23.44 13.41
N GLU A 375 13.21 -24.10 14.29
CA GLU A 375 12.87 -25.52 14.13
C GLU A 375 12.26 -25.76 12.75
N TYR A 376 11.29 -24.94 12.35
CA TYR A 376 10.68 -25.14 11.02
C TYR A 376 11.39 -24.38 9.85
N LEU A 377 12.07 -23.30 10.17
CA LEU A 377 12.76 -22.58 9.12
C LEU A 377 13.76 -23.55 8.51
N LYS A 378 14.39 -24.37 9.35
CA LYS A 378 15.40 -25.32 8.89
C LYS A 378 14.93 -26.19 7.71
N ASN A 379 13.64 -26.56 7.71
CA ASN A 379 13.15 -27.39 6.63
C ASN A 379 12.81 -26.52 5.44
N SER A 380 12.28 -25.34 5.74
CA SER A 380 11.89 -24.36 4.73
C SER A 380 13.10 -23.88 3.92
N ALA A 381 14.25 -23.79 4.56
CA ALA A 381 15.47 -23.35 3.87
C ALA A 381 16.41 -24.53 3.68
N CYS A 382 15.92 -25.61 3.09
CA CYS A 382 16.75 -26.81 2.88
C CYS A 382 17.74 -26.60 1.74
N LYS A 383 18.46 -27.67 1.40
CA LYS A 383 19.49 -27.61 0.37
C LYS A 383 19.20 -26.90 -0.92
N GLY A 384 18.29 -27.37 -1.75
CA GLY A 384 18.10 -26.59 -2.96
C GLY A 384 17.04 -25.50 -2.86
N ALA A 385 16.76 -25.08 -1.62
CA ALA A 385 15.71 -24.09 -1.36
C ALA A 385 15.90 -22.69 -1.92
N TRP A 386 14.87 -22.16 -2.56
CA TRP A 386 14.92 -20.79 -3.06
C TRP A 386 16.32 -20.50 -3.60
N PRO A 387 16.81 -21.32 -4.55
CA PRO A 387 18.13 -21.17 -5.15
C PRO A 387 18.59 -19.77 -5.56
N SER A 388 17.70 -18.97 -6.16
CA SER A 388 18.04 -17.60 -6.61
C SER A 388 17.69 -16.53 -5.63
N LEU A 389 17.34 -16.89 -4.40
CA LEU A 389 16.87 -15.89 -3.47
C LEU A 389 17.89 -14.83 -3.10
N GLN A 390 17.52 -13.57 -3.27
CA GLN A 390 18.43 -12.48 -2.91
C GLN A 390 18.02 -11.83 -1.60
N THR A 391 16.73 -11.54 -1.49
CA THR A 391 16.15 -10.88 -0.29
C THR A 391 15.14 -11.76 0.50
N LEU A 392 15.28 -11.83 1.83
CA LEU A 392 14.38 -12.63 2.69
C LEU A 392 13.86 -11.83 3.87
N VAL A 393 12.53 -11.70 3.96
CA VAL A 393 11.97 -10.94 5.08
C VAL A 393 11.24 -11.82 6.11
N LEU A 394 11.78 -11.87 7.32
CA LEU A 394 11.18 -12.68 8.37
C LEU A 394 10.83 -11.78 9.55
N SER A 395 10.59 -10.51 9.27
CA SER A 395 10.19 -9.60 10.34
C SER A 395 8.94 -10.21 11.04
N GLN A 396 8.83 -9.94 12.33
CA GLN A 396 7.73 -10.40 13.15
C GLN A 396 7.31 -11.85 13.05
N ASN A 397 8.20 -12.71 13.49
CA ASN A 397 7.93 -14.12 13.54
C ASN A 397 8.28 -14.57 14.95
N HIS A 398 8.65 -15.83 15.15
CA HIS A 398 8.97 -16.33 16.47
C HIS A 398 10.41 -16.85 16.56
N LEU A 399 11.31 -16.18 15.85
CA LEU A 399 12.73 -16.55 15.86
C LEU A 399 13.28 -16.06 17.19
N ARG A 400 14.21 -16.80 17.77
CA ARG A 400 14.78 -16.40 19.05
C ARG A 400 16.30 -16.47 19.07
N SER A 401 16.88 -17.27 18.17
CA SER A 401 18.33 -17.37 18.12
C SER A 401 19.00 -16.90 16.84
N MET A 402 19.78 -15.84 16.95
CA MET A 402 20.53 -15.33 15.81
C MET A 402 21.56 -16.33 15.28
N GLN A 403 22.25 -17.05 16.16
CA GLN A 403 23.24 -18.01 15.72
C GLN A 403 22.63 -19.13 14.90
N LYS A 404 21.48 -19.66 15.33
CA LYS A 404 20.84 -20.75 14.60
C LYS A 404 20.19 -20.26 13.30
N THR A 405 19.57 -19.09 13.36
CA THR A 405 18.94 -18.55 12.18
C THR A 405 19.96 -18.50 11.07
N GLY A 406 21.08 -17.87 11.39
CA GLY A 406 22.18 -17.70 10.45
C GLY A 406 22.71 -19.00 9.91
N GLU A 407 22.86 -19.99 10.78
CA GLU A 407 23.38 -21.25 10.32
C GLU A 407 22.38 -21.88 9.34
N ILE A 408 21.10 -21.90 9.71
CA ILE A 408 20.08 -22.51 8.84
C ILE A 408 20.10 -21.90 7.44
N LEU A 409 20.23 -20.58 7.38
CA LEU A 409 20.24 -19.83 6.15
C LEU A 409 21.45 -19.99 5.23
N LEU A 410 22.52 -20.63 5.70
CA LEU A 410 23.71 -20.81 4.85
C LEU A 410 23.42 -21.52 3.55
N THR A 411 22.30 -22.20 3.49
CA THR A 411 21.91 -22.94 2.30
C THR A 411 21.54 -21.96 1.21
N LEU A 412 21.29 -20.72 1.60
CA LEU A 412 20.85 -19.71 0.64
C LEU A 412 22.07 -19.00 0.11
N LYS A 413 22.76 -19.66 -0.81
CA LYS A 413 23.99 -19.14 -1.36
C LYS A 413 23.89 -17.74 -1.96
N ASN A 414 22.77 -17.41 -2.59
CA ASN A 414 22.60 -16.10 -3.20
C ASN A 414 22.04 -14.99 -2.32
N LEU A 415 21.83 -15.23 -1.03
CA LEU A 415 21.22 -14.20 -0.20
C LEU A 415 22.08 -12.97 0.06
N THR A 416 21.53 -11.80 -0.21
CA THR A 416 22.26 -10.56 0.01
C THR A 416 21.61 -9.70 1.08
N SER A 417 20.32 -9.93 1.38
CA SER A 417 19.71 -9.16 2.48
C SER A 417 18.76 -9.97 3.33
N LEU A 418 18.83 -9.75 4.63
CA LEU A 418 17.98 -10.42 5.58
C LEU A 418 17.35 -9.42 6.52
N ASP A 419 16.04 -9.53 6.70
CA ASP A 419 15.31 -8.66 7.63
C ASP A 419 14.75 -9.61 8.69
N ILE A 420 15.28 -9.55 9.91
CA ILE A 420 14.79 -10.38 10.98
C ILE A 420 14.37 -9.46 12.09
N SER A 421 13.97 -8.26 11.73
CA SER A 421 13.51 -7.28 12.72
C SER A 421 12.24 -7.79 13.42
N ARG A 422 11.89 -7.10 14.52
CA ARG A 422 10.71 -7.42 15.30
C ARG A 422 10.53 -8.89 15.71
N ASN A 423 11.64 -9.51 16.13
CA ASN A 423 11.67 -10.88 16.68
C ASN A 423 12.45 -10.67 17.97
N THR A 424 11.95 -11.14 19.10
CA THR A 424 12.74 -10.95 20.33
C THR A 424 13.78 -12.09 20.49
N PHE A 425 15.02 -11.79 20.09
CA PHE A 425 16.16 -12.71 20.16
C PHE A 425 16.87 -12.74 21.50
N HIS A 426 17.47 -13.89 21.83
CA HIS A 426 18.28 -14.03 23.05
C HIS A 426 19.53 -13.21 22.73
N PRO A 427 20.32 -12.84 23.75
CA PRO A 427 21.53 -12.06 23.48
C PRO A 427 22.38 -12.86 22.49
N MET A 428 22.95 -12.19 21.48
CA MET A 428 23.75 -12.87 20.47
C MET A 428 25.09 -13.32 20.98
N PRO A 429 25.68 -14.34 20.34
CA PRO A 429 26.99 -14.85 20.75
C PRO A 429 28.13 -14.11 20.04
N ASP A 430 29.36 -14.50 20.36
CA ASP A 430 30.55 -13.87 19.77
C ASP A 430 30.79 -14.31 18.35
N SER A 431 30.54 -15.58 18.06
CA SER A 431 30.77 -16.15 16.73
C SER A 431 29.49 -16.68 16.05
N CYS A 432 29.28 -16.26 14.81
CA CYS A 432 28.11 -16.70 14.05
C CYS A 432 28.52 -17.02 12.62
N GLN A 433 27.59 -17.43 11.78
CA GLN A 433 27.87 -17.72 10.39
C GLN A 433 26.64 -17.28 9.64
N TRP A 434 26.81 -16.42 8.64
CA TRP A 434 25.69 -15.93 7.85
C TRP A 434 26.00 -16.19 6.40
N PRO A 435 24.99 -16.11 5.53
CA PRO A 435 25.27 -16.35 4.13
C PRO A 435 26.42 -15.49 3.60
N GLU A 436 27.32 -16.13 2.89
CA GLU A 436 28.48 -15.48 2.34
C GLU A 436 28.29 -14.08 1.71
N LYS A 437 27.27 -13.88 0.89
CA LYS A 437 27.06 -12.58 0.24
C LYS A 437 26.11 -11.64 0.96
N MET A 438 25.88 -11.83 2.25
CA MET A 438 24.93 -10.96 2.95
C MET A 438 25.46 -9.57 3.21
N ARG A 439 24.82 -8.56 2.62
CA ARG A 439 25.27 -7.20 2.81
C ARG A 439 24.32 -6.33 3.61
N PHE A 440 23.03 -6.72 3.66
CA PHE A 440 21.96 -6.01 4.39
C PHE A 440 21.39 -6.90 5.53
N LEU A 441 21.43 -6.39 6.76
CA LEU A 441 20.92 -7.07 7.94
C LEU A 441 20.02 -6.12 8.75
N ASN A 442 18.78 -6.54 8.97
CA ASN A 442 17.87 -5.69 9.75
C ASN A 442 17.62 -6.32 11.12
N LEU A 443 18.15 -5.70 12.17
CA LEU A 443 17.95 -6.21 13.52
C LEU A 443 17.23 -5.14 14.35
N SER A 444 16.35 -4.41 13.69
CA SER A 444 15.55 -3.37 14.31
C SER A 444 14.45 -3.98 15.20
N SER A 445 14.14 -3.29 16.29
CA SER A 445 13.11 -3.71 17.24
C SER A 445 13.30 -5.20 17.53
N THR A 446 14.51 -5.57 17.88
CA THR A 446 14.82 -6.97 18.14
C THR A 446 15.00 -7.18 19.64
N GLY A 447 15.04 -6.08 20.40
CA GLY A 447 15.20 -6.15 21.83
C GLY A 447 16.62 -6.27 22.37
N ILE A 448 17.60 -6.39 21.49
CA ILE A 448 18.98 -6.54 21.94
C ILE A 448 19.52 -5.40 22.82
N ARG A 449 20.38 -5.81 23.77
CA ARG A 449 20.98 -4.90 24.74
C ARG A 449 22.41 -4.50 24.35
N VAL A 450 23.07 -5.37 23.60
CA VAL A 450 24.41 -5.11 23.14
C VAL A 450 24.66 -5.81 21.81
N VAL A 451 25.60 -5.29 21.01
CA VAL A 451 25.93 -5.89 19.70
C VAL A 451 27.29 -6.58 19.78
N LYS A 452 27.39 -7.80 19.25
CA LYS A 452 28.64 -8.54 19.30
C LYS A 452 29.10 -8.99 17.93
N THR A 453 30.29 -9.57 17.84
CA THR A 453 30.83 -9.98 16.57
C THR A 453 30.10 -11.12 15.92
N CYS A 454 28.83 -11.23 16.23
CA CYS A 454 27.98 -12.22 15.60
C CYS A 454 27.59 -11.57 14.25
N ILE A 455 27.44 -10.25 14.24
CA ILE A 455 27.11 -9.49 13.02
C ILE A 455 28.30 -9.62 12.08
N PRO A 456 28.09 -10.08 10.85
CA PRO A 456 29.24 -10.22 9.94
C PRO A 456 29.83 -8.90 9.38
N GLN A 457 31.10 -8.95 9.00
CA GLN A 457 31.79 -7.77 8.45
C GLN A 457 31.53 -7.58 6.96
N THR A 458 30.88 -8.54 6.33
CA THR A 458 30.60 -8.39 4.92
C THR A 458 29.49 -7.36 4.78
N LEU A 459 28.93 -6.92 5.90
CA LEU A 459 27.83 -5.97 5.93
C LEU A 459 28.05 -4.51 5.42
N GLU A 460 27.12 -4.06 4.58
CA GLU A 460 27.12 -2.69 4.03
C GLU A 460 25.97 -1.89 4.62
N VAL A 461 24.95 -2.59 5.12
CA VAL A 461 23.81 -1.92 5.75
C VAL A 461 23.40 -2.67 7.01
N LEU A 462 23.37 -1.97 8.14
CA LEU A 462 22.96 -2.58 9.39
C LEU A 462 21.94 -1.69 10.12
N ASP A 463 20.78 -2.26 10.45
CA ASP A 463 19.73 -1.53 11.18
C ASP A 463 19.62 -2.13 12.56
N VAL A 464 20.00 -1.35 13.58
CA VAL A 464 19.88 -1.81 14.96
C VAL A 464 19.11 -0.74 15.69
N SER A 465 18.19 -0.09 14.99
CA SER A 465 17.36 0.93 15.59
C SER A 465 16.25 0.34 16.49
N ASN A 466 15.77 1.19 17.41
CA ASN A 466 14.73 0.84 18.35
C ASN A 466 15.03 -0.42 19.14
N ASN A 467 16.13 -0.38 19.90
CA ASN A 467 16.57 -1.50 20.72
C ASN A 467 16.98 -0.96 22.10
N ASN A 468 17.78 -1.75 22.84
CA ASN A 468 18.26 -1.31 24.16
C ASN A 468 19.80 -1.21 24.19
N LEU A 469 20.34 -0.50 23.21
CA LEU A 469 21.79 -0.30 23.06
C LEU A 469 22.34 0.85 23.89
N ASP A 470 23.54 0.64 24.43
CA ASP A 470 24.32 1.60 25.26
C ASP A 470 25.39 2.18 24.37
N SER A 471 25.95 1.33 23.53
CA SER A 471 27.04 1.75 22.66
C SER A 471 27.12 0.83 21.47
N PHE A 472 28.04 1.14 20.57
CA PHE A 472 28.28 0.35 19.38
C PHE A 472 29.81 0.28 19.24
N SER A 473 30.37 -0.91 19.24
CA SER A 473 31.81 -0.98 19.12
C SER A 473 32.29 -1.99 18.12
N LEU A 474 31.46 -2.23 17.12
CA LEU A 474 31.80 -3.18 16.10
C LEU A 474 32.48 -2.48 14.90
N PHE A 475 33.64 -2.97 14.49
CA PHE A 475 34.31 -2.39 13.34
C PHE A 475 33.76 -3.10 12.09
N LEU A 476 33.01 -2.36 11.28
CA LEU A 476 32.42 -2.93 10.07
C LEU A 476 32.97 -2.11 8.90
N PRO A 477 34.13 -2.54 8.38
CA PRO A 477 34.90 -1.95 7.27
C PRO A 477 34.11 -1.50 6.08
N ARG A 478 33.08 -2.26 5.71
CA ARG A 478 32.32 -1.89 4.55
C ARG A 478 31.02 -1.22 4.83
N LEU A 479 30.76 -0.84 6.09
CA LEU A 479 29.45 -0.26 6.42
C LEU A 479 29.18 1.06 5.76
N GLN A 480 28.19 1.06 4.88
CA GLN A 480 27.82 2.28 4.18
C GLN A 480 26.69 3.01 4.93
N GLU A 481 25.90 2.27 5.70
CA GLU A 481 24.80 2.87 6.43
C GLU A 481 24.54 2.19 7.77
N LEU A 482 24.35 3.00 8.80
CA LEU A 482 24.06 2.50 10.14
C LEU A 482 22.82 3.22 10.64
N TYR A 483 21.89 2.44 11.18
CA TYR A 483 20.63 2.92 11.74
C TYR A 483 20.73 2.48 13.20
N ILE A 484 20.96 3.44 14.09
CA ILE A 484 21.13 3.15 15.50
C ILE A 484 20.16 4.09 16.28
N SER A 485 19.25 4.72 15.53
CA SER A 485 18.22 5.58 16.10
C SER A 485 17.37 4.79 17.10
N ARG A 486 16.78 5.52 18.05
CA ARG A 486 15.94 4.92 19.06
C ARG A 486 16.66 3.94 19.99
N ASN A 487 17.67 4.43 20.68
CA ASN A 487 18.40 3.62 21.64
C ASN A 487 18.85 4.49 22.82
N LYS A 488 19.72 3.97 23.69
CA LYS A 488 20.18 4.71 24.86
C LYS A 488 21.65 5.19 24.76
N LEU A 489 22.17 5.38 23.55
CA LEU A 489 23.56 5.83 23.41
C LEU A 489 23.74 7.30 23.79
N LYS A 490 24.61 7.58 24.75
CA LYS A 490 24.83 8.96 25.15
C LYS A 490 26.01 9.60 24.40
N THR A 491 26.79 8.76 23.72
CA THR A 491 27.92 9.28 22.97
C THR A 491 28.03 8.60 21.63
N LEU A 492 28.21 9.40 20.57
CA LEU A 492 28.33 8.91 19.20
C LEU A 492 29.37 7.78 19.10
N PRO A 493 29.02 6.66 18.43
CA PRO A 493 30.04 5.61 18.35
C PRO A 493 31.30 6.16 17.69
N ASP A 494 32.43 5.55 17.98
CA ASP A 494 33.69 6.00 17.42
C ASP A 494 33.73 5.98 15.90
N ALA A 495 34.19 7.08 15.30
CA ALA A 495 34.24 7.22 13.85
C ALA A 495 35.20 6.30 13.09
N SER A 496 36.18 5.76 13.77
CA SER A 496 37.13 4.87 13.14
C SER A 496 36.49 3.53 12.79
N LEU A 497 35.27 3.31 13.31
CA LEU A 497 34.54 2.09 13.04
C LEU A 497 33.87 2.10 11.67
N PHE A 498 33.64 3.29 11.13
CA PHE A 498 32.96 3.44 9.83
C PHE A 498 33.81 4.19 8.79
N PRO A 499 34.90 3.57 8.29
CA PRO A 499 35.69 4.30 7.30
C PRO A 499 34.93 4.81 6.08
N VAL A 500 34.12 3.96 5.46
CA VAL A 500 33.36 4.35 4.26
C VAL A 500 31.87 4.65 4.47
N LEU A 501 31.47 5.01 5.69
CA LEU A 501 30.08 5.32 6.03
C LEU A 501 29.41 6.47 5.24
N LEU A 502 28.35 6.18 4.48
CA LEU A 502 27.62 7.23 3.75
C LEU A 502 26.44 7.79 4.59
N VAL A 503 25.86 6.95 5.43
CA VAL A 503 24.72 7.35 6.20
C VAL A 503 24.73 6.88 7.63
N MET A 504 24.39 7.80 8.52
CA MET A 504 24.27 7.45 9.90
C MET A 504 22.96 8.01 10.46
N LYS A 505 22.23 7.15 11.18
CA LYS A 505 20.97 7.54 11.78
C LYS A 505 21.14 7.25 13.24
N ILE A 506 20.99 8.28 14.01
CA ILE A 506 21.11 8.12 15.44
C ILE A 506 20.18 9.06 16.19
N ALA A 507 19.02 9.32 15.60
CA ALA A 507 18.02 10.19 16.22
C ALA A 507 17.55 9.48 17.49
N SER A 508 16.80 10.20 18.32
CA SER A 508 16.26 9.66 19.56
C SER A 508 17.25 8.79 20.32
N ASN A 509 18.30 9.38 20.68
CA ASN A 509 19.28 8.60 21.40
C ASN A 509 19.89 9.19 22.67
N GLN A 510 19.56 10.43 23.01
CA GLN A 510 20.13 11.00 24.24
C GLN A 510 21.59 11.41 24.18
N LEU A 511 21.97 12.01 23.06
CA LEU A 511 23.34 12.51 22.89
C LEU A 511 23.30 13.96 23.33
N LYS A 512 24.34 14.42 24.03
CA LYS A 512 24.37 15.82 24.46
C LYS A 512 25.32 16.64 23.56
N SER A 513 26.35 15.99 23.01
CA SER A 513 27.31 16.68 22.13
C SER A 513 28.17 15.69 21.37
N VAL A 514 28.86 16.18 20.35
CA VAL A 514 29.78 15.35 19.55
C VAL A 514 31.20 15.91 19.67
N PRO A 515 32.23 15.06 19.50
CA PRO A 515 33.63 15.51 19.59
C PRO A 515 33.92 16.52 18.50
N ASP A 516 34.65 17.57 18.84
CA ASP A 516 34.97 18.62 17.87
C ASP A 516 35.67 18.06 16.63
N GLY A 517 35.29 18.56 15.47
CA GLY A 517 35.89 18.12 14.22
C GLY A 517 35.62 16.68 13.81
N ILE A 518 34.77 15.99 14.58
CA ILE A 518 34.43 14.58 14.33
C ILE A 518 34.06 14.24 12.89
N PHE A 519 33.28 15.10 12.25
CA PHE A 519 32.85 14.83 10.91
C PHE A 519 33.99 14.85 9.87
N ASP A 520 35.14 15.41 10.21
CA ASP A 520 36.23 15.38 9.25
C ASP A 520 36.63 13.91 9.13
N ARG A 521 36.46 13.19 10.23
CA ARG A 521 36.79 11.79 10.29
C ARG A 521 35.81 10.89 9.54
N LEU A 522 34.62 11.37 9.22
CA LEU A 522 33.66 10.57 8.43
C LEU A 522 33.71 11.09 6.99
N THR A 523 34.84 10.84 6.34
CA THR A 523 35.14 11.31 4.99
C THR A 523 34.21 10.91 3.89
N SER A 524 33.14 10.18 4.21
CA SER A 524 32.20 9.75 3.19
C SER A 524 30.76 10.14 3.45
N LEU A 525 30.50 10.69 4.64
CA LEU A 525 29.15 11.06 5.09
C LEU A 525 28.39 11.94 4.14
N GLN A 526 27.19 11.50 3.78
CA GLN A 526 26.35 12.34 2.93
C GLN A 526 25.04 12.66 3.62
N LYS A 527 24.58 11.76 4.48
CA LYS A 527 23.36 12.00 5.26
C LYS A 527 23.52 11.53 6.70
N ILE A 528 22.96 12.29 7.63
CA ILE A 528 23.01 11.93 9.04
C ILE A 528 21.73 12.43 9.71
N TRP A 529 21.21 11.65 10.65
CA TRP A 529 20.00 12.00 11.39
C TRP A 529 20.41 12.30 12.82
N LEU A 530 20.19 13.52 13.30
CA LEU A 530 20.59 13.87 14.65
C LEU A 530 19.44 14.33 15.52
N HIS A 531 18.28 14.55 14.92
CA HIS A 531 17.12 15.03 15.66
C HIS A 531 16.63 14.17 16.82
N THR A 532 15.89 14.82 17.69
CA THR A 532 15.34 14.21 18.89
C THR A 532 16.38 13.73 19.89
N ASN A 533 17.36 14.57 20.16
CA ASN A 533 18.41 14.29 21.16
C ASN A 533 18.46 15.53 22.02
N PRO A 534 18.84 15.39 23.30
CA PRO A 534 18.93 16.49 24.24
C PRO A 534 20.24 17.31 24.09
N TRP A 535 20.45 17.86 22.90
CA TRP A 535 21.65 18.63 22.65
C TRP A 535 21.80 19.73 23.68
N ASP A 536 23.05 19.97 24.09
CA ASP A 536 23.36 21.02 25.04
C ASP A 536 24.00 22.17 24.30
N CYS A 537 23.25 23.26 24.11
CA CYS A 537 23.78 24.42 23.41
C CYS A 537 24.37 25.46 24.37
N SER A 538 25.49 26.05 23.96
CA SER A 538 26.16 27.06 24.77
C SER A 538 27.29 27.74 23.98
N CYS A 539 28.29 28.26 24.71
CA CYS A 539 29.40 28.91 24.05
C CYS A 539 30.62 28.01 24.03
N PRO A 540 31.02 27.49 25.20
CA PRO A 540 32.21 26.63 25.22
C PRO A 540 31.98 25.22 24.66
N ARG A 541 30.67 24.74 24.23
CA ARG A 541 30.40 23.48 23.55
C ARG A 541 29.52 23.70 22.35
N ILE A 542 29.31 22.65 21.75
CA ILE A 542 28.48 22.60 20.55
C ILE A 542 28.67 23.79 19.58
N ASP A 543 29.83 24.42 19.65
CA ASP A 543 30.13 25.49 18.72
C ASP A 543 30.45 24.83 17.37
N TYR A 544 31.06 23.64 17.43
CA TYR A 544 31.41 22.86 16.24
C TYR A 544 30.15 22.30 15.58
N LEU A 545 29.42 21.50 16.34
CA LEU A 545 28.18 20.91 15.84
C LEU A 545 27.32 21.97 15.16
N SER A 546 27.08 23.03 15.91
CA SER A 546 26.27 24.15 15.44
C SER A 546 26.66 24.64 14.06
N ARG A 547 27.88 25.14 13.95
CA ARG A 547 28.42 25.64 12.68
C ARG A 547 28.42 24.59 11.59
N TRP A 548 28.77 23.36 11.93
CA TRP A 548 28.81 22.28 10.94
C TRP A 548 27.42 22.04 10.40
N LEU A 549 26.45 21.92 11.31
CA LEU A 549 25.08 21.68 10.90
C LEU A 549 24.63 22.84 10.07
N ASN A 550 25.07 24.04 10.44
CA ASN A 550 24.68 25.25 9.71
C ASN A 550 25.15 25.25 8.27
N LYS A 551 26.39 24.87 8.03
CA LYS A 551 26.90 24.86 6.67
C LYS A 551 26.84 23.50 5.98
N ASN A 552 26.06 22.59 6.54
CA ASN A 552 25.88 21.25 5.96
C ASN A 552 24.39 20.89 6.05
N SER A 553 23.53 21.88 5.77
CA SER A 553 22.08 21.68 5.81
C SER A 553 21.66 20.60 4.80
N GLN A 554 22.41 20.49 3.72
CA GLN A 554 22.15 19.48 2.69
C GLN A 554 22.34 18.05 3.26
N LYS A 555 23.16 17.91 4.31
CA LYS A 555 23.45 16.61 4.91
C LYS A 555 22.52 16.22 6.04
N GLU A 556 22.17 17.18 6.90
CA GLU A 556 21.29 16.88 8.02
C GLU A 556 19.87 16.55 7.63
N GLN A 557 19.41 15.38 8.05
CA GLN A 557 18.06 14.94 7.76
C GLN A 557 17.22 15.22 9.01
N GLY A 558 16.17 16.00 8.83
CA GLY A 558 15.35 16.39 9.96
C GLY A 558 16.06 17.60 10.53
N SER A 559 15.97 17.81 11.85
CA SER A 559 16.66 18.94 12.45
C SER A 559 16.86 18.78 13.95
N ALA A 560 18.10 18.93 14.36
CA ALA A 560 18.42 18.82 15.77
C ALA A 560 18.11 20.15 16.45
N LYS A 561 17.25 20.09 17.47
CA LYS A 561 16.88 21.28 18.20
C LYS A 561 17.64 21.28 19.54
N CYS A 562 17.93 22.47 20.06
CA CYS A 562 18.65 22.57 21.33
C CYS A 562 17.73 22.13 22.44
N SER A 563 18.28 21.97 23.64
CA SER A 563 17.47 21.60 24.79
C SER A 563 17.26 22.89 25.53
N GLY A 564 16.23 22.95 26.38
CA GLY A 564 15.99 24.18 27.11
C GLY A 564 15.46 25.31 26.23
N SER A 565 15.34 25.05 24.94
CA SER A 565 14.83 26.01 23.97
C SER A 565 14.58 25.24 22.68
N GLY A 566 13.34 25.19 22.23
CA GLY A 566 13.05 24.45 21.01
C GLY A 566 13.84 24.95 19.82
N LYS A 567 14.64 25.99 20.02
CA LYS A 567 15.43 26.58 18.96
C LYS A 567 16.43 25.56 18.41
N PRO A 568 16.46 25.38 17.08
CA PRO A 568 17.38 24.43 16.45
C PRO A 568 18.85 24.72 16.72
N VAL A 569 19.67 23.68 16.62
CA VAL A 569 21.09 23.85 16.86
C VAL A 569 21.73 24.50 15.64
N ARG A 570 21.36 25.76 15.41
CA ARG A 570 21.89 26.58 14.32
C ARG A 570 21.76 27.98 14.88
N SER A 571 22.60 28.22 15.88
CA SER A 571 22.64 29.47 16.61
C SER A 571 24.09 29.92 16.80
N ILE A 572 24.51 30.94 16.05
CA ILE A 572 25.87 31.46 16.17
C ILE A 572 26.14 31.76 17.64
N ILE A 573 27.37 31.59 18.09
CA ILE A 573 27.65 31.84 19.50
C ILE A 573 29.06 32.36 19.77
N CYS A 574 29.17 33.26 20.75
CA CYS A 574 30.44 33.85 21.18
C CYS A 574 31.47 34.25 20.12
N PRO A 575 31.59 35.56 19.83
CA PRO A 575 32.57 36.05 18.85
C PRO A 575 34.02 35.95 19.32
C1 NAG B . 14.24 -2.59 9.13
C2 NAG B . 13.97 -1.53 8.07
C3 NAG B . 12.98 -0.47 8.62
C4 NAG B . 11.73 -1.12 9.27
C5 NAG B . 12.22 -2.15 10.26
C6 NAG B . 11.15 -2.87 11.05
C7 NAG B . 15.58 -0.75 6.46
C8 NAG B . 16.84 0.05 6.22
N2 NAG B . 15.22 -0.90 7.74
O3 NAG B . 12.62 0.44 7.57
O4 NAG B . 11.00 -0.11 9.99
O5 NAG B . 13.02 -3.14 9.58
O6 NAG B . 10.07 -3.23 10.22
O7 NAG B . 14.95 -1.23 5.53
C1 NAG B . 9.69 0.18 9.59
C2 NAG B . 8.97 0.94 10.72
C3 NAG B . 7.62 1.46 10.27
C4 NAG B . 7.71 2.20 8.94
C5 NAG B . 8.51 1.39 7.91
C6 NAG B . 8.77 2.21 6.66
C7 NAG B . 9.42 0.33 13.00
C8 NAG B . 10.34 -0.77 13.54
N2 NAG B . 8.77 0.08 11.86
O3 NAG B . 7.11 2.35 11.25
O4 NAG B . 6.40 2.46 8.43
O5 NAG B . 9.79 1.02 8.46
O6 NAG B . 10.04 2.87 6.73
O7 NAG B . 9.33 1.40 13.61
C1 NAG C . 21.89 -18.02 -7.07
C2 NAG C . 22.49 -19.34 -7.63
C3 NAG C . 22.97 -19.27 -9.08
C4 NAG C . 21.94 -18.55 -9.90
C5 NAG C . 21.83 -17.13 -9.33
C6 NAG C . 20.96 -16.24 -10.20
C7 NAG C . 23.51 -20.97 -6.26
C8 NAG C . 24.74 -21.46 -5.49
N2 NAG C . 23.59 -19.77 -6.80
O3 NAG C . 23.11 -20.60 -9.60
O4 NAG C . 22.29 -18.54 -11.30
O5 NAG C . 21.19 -17.22 -8.03
O6 NAG C . 19.79 -16.92 -10.65
O7 NAG C . 22.51 -21.70 -6.37
C1 LTC D . -2.44 -26.83 11.25
O1 LTC D . -3.47 -26.80 10.25
C2 LTC D . -3.06 -26.45 12.60
O2 LTC D . -4.38 -24.76 13.72
C3 LTC D . -3.65 -25.04 12.52
O3 LTC D . -4.91 -23.53 11.11
C4 LTC D . -4.57 -24.91 11.30
O4 LTC D . -2.05 -26.49 13.61
C5 LTC D . -3.88 -25.45 10.03
O5 LTC D . -1.19 -28.51 10.06
C7 LTC D . -1.80 -28.22 11.32
O9 LTC D . -0.02 -21.45 7.63
O10 LTC D . -1.76 -22.63 6.85
C11 LTC D . -0.20 -18.35 -8.06
O11 LTC D . -2.70 -24.70 9.74
C12 LTC D . -1.20 -19.31 -7.43
O12 LTC D . 0.41 -24.07 6.80
C13 LTC D . -1.22 -19.17 -5.90
O13 LTC D . 1.06 -26.20 6.97
C14 LTC D . 0.12 -19.57 -5.28
C15 LTC D . 0.07 -19.36 -3.76
C16 LTC D . 1.35 -19.83 -3.07
C17 LTC D . 1.24 -19.60 -1.56
C18 LTC D . 2.39 -20.24 -0.79
C19 LTC D . 2.17 -20.13 0.73
C20 LTC D . 0.74 -20.49 1.10
C21 LTC D . 0.53 -20.61 2.61
C22 LTC D . -0.95 -20.90 2.90
C23 LTC D . -1.14 -21.64 4.23
C24 LTC D . -0.79 -20.78 5.46
C25 LTC D . -0.82 -21.65 6.71
C26 LTC D . -1.54 -23.34 8.08
C27 LTC D . -2.86 -23.97 8.52
C28 LTC D . -0.52 -24.45 7.81
C29 LTC D . 1.15 -25.14 6.39
C30 LTC D . 2.06 -25.01 5.17
C31 LTC D . 1.20 -25.17 3.91
C32 LTC D . 1.92 -24.82 2.61
C33 LTC D . 0.89 -24.83 1.48
C34 LTC D . 1.46 -24.38 0.13
C35 LTC D . 0.35 -24.32 -0.92
C41 LTC D . -2.95 -21.54 14.58
O41 LTC D . -3.02 -22.95 14.33
C42 LTC D . -3.75 -21.20 15.84
N42 LTC D . -3.17 -21.92 16.98
O42 LTC D . -5.92 -21.44 16.87
C43 LTC D . -5.20 -21.62 15.64
C44 LTC D . -5.27 -23.10 15.23
N44 LTC D . -6.66 -23.46 14.92
C45 LTC D . -4.36 -23.35 14.03
C47 LTC D . -1.49 -21.14 14.78
C48 LTC D . -7.42 -24.12 15.77
O48 LTC D . -8.59 -24.45 15.53
C49 LTC D . -6.78 -24.46 17.11
#